data_5Y1D
#
_entry.id   5Y1D
#
_cell.length_a   56.386
_cell.length_b   49.319
_cell.length_c   113.602
_cell.angle_alpha   90.00
_cell.angle_beta   89.90
_cell.angle_gamma   90.00
#
_symmetry.space_group_name_H-M   'P 1 21 1'
#
loop_
_entity.id
_entity.type
_entity.pdbx_description
1 polymer 'NAD dependent epimerase/dehydratase family'
2 water water
#
_entity_poly.entity_id   1
_entity_poly.type   'polypeptide(L)'
_entity_poly.pdbx_seq_one_letter_code
;MGSSHHHHHHSSGLVPRGSHMILVTGALGQIGTELVLALQEKYGNDKIIASDLKEPENYHCKFEKCDIRDIETYERINNE
NKIEIVYHLAAILSAAGEKNPELCHDVNYNGLENVLKTAKKYNQKLFCPSSIAVFGPDVPKEMTPQNVELNPKTVYGITK
VKGEELCDTYFKEHGIDVRGIRYPGLISWKHKPSGGTTDYAVEMYFDAVESGKYECFVNRNTRLPMMFMDDAIRATLELM
DAPLDSLNYHSNYNLSSMSFSAEELEKEISAHVDFNCLYKPDYRQDIADTWPISINDDDARKDWGWEPKFDISKMTEEMI
TNLRRLNE
;
_entity_poly.pdbx_strand_id   A,B
#
# COMPACT_ATOMS: atom_id res chain seq x y z
N MET A 21 26.26 2.86 9.37
CA MET A 21 25.81 4.25 9.63
C MET A 21 24.32 4.30 9.93
N ILE A 22 23.95 5.26 10.78
CA ILE A 22 22.57 5.48 11.24
C ILE A 22 22.09 6.89 10.94
N LEU A 23 20.90 6.98 10.34
CA LEU A 23 20.27 8.25 9.97
C LEU A 23 19.08 8.49 10.87
N VAL A 24 18.95 9.72 11.35
CA VAL A 24 17.76 10.13 12.10
C VAL A 24 17.12 11.26 11.32
N THR A 25 15.92 11.02 10.78
CA THR A 25 15.12 12.09 10.23
C THR A 25 14.31 12.75 11.36
N GLY A 26 13.86 13.97 11.10
CA GLY A 26 13.25 14.80 12.13
C GLY A 26 14.16 15.03 13.31
N ALA A 27 15.44 15.23 13.05
CA ALA A 27 16.43 15.09 14.11
C ALA A 27 16.32 16.27 15.06
N LEU A 28 15.71 17.37 14.59
CA LEU A 28 15.60 18.60 15.40
C LEU A 28 14.39 18.68 16.31
N GLY A 29 13.52 17.69 16.23
CA GLY A 29 12.29 17.65 16.99
C GLY A 29 12.49 17.24 18.43
N GLN A 30 11.38 17.18 19.15
CA GLN A 30 11.43 16.87 20.58
C GLN A 30 12.12 15.52 20.80
N ILE A 31 11.69 14.50 20.08
CA ILE A 31 12.24 13.17 20.23
C ILE A 31 13.64 13.10 19.62
N GLY A 32 13.77 13.55 18.37
CA GLY A 32 15.05 13.48 17.66
C GLY A 32 16.24 14.11 18.36
N THR A 33 15.99 15.24 19.00
CA THR A 33 17.01 15.88 19.79
C THR A 33 17.67 14.91 20.78
N GLU A 34 16.89 14.06 21.44
CA GLU A 34 17.46 13.24 22.53
C GLU A 34 17.88 11.89 21.94
N LEU A 35 17.21 11.48 20.87
CA LEU A 35 17.53 10.20 20.24
C LEU A 35 18.92 10.25 19.58
N VAL A 36 19.23 11.37 18.93
CA VAL A 36 20.56 11.57 18.34
C VAL A 36 21.63 11.39 19.41
N LEU A 37 21.48 12.07 20.53
CA LEU A 37 22.47 11.93 21.61
C LEU A 37 22.63 10.51 22.10
N ALA A 38 21.51 9.83 22.31
CA ALA A 38 21.56 8.48 22.83
C ALA A 38 22.18 7.51 21.81
N LEU A 39 21.91 7.73 20.54
CA LEU A 39 22.51 6.90 19.51
C LEU A 39 24.02 7.17 19.37
N GLN A 40 24.43 8.43 19.49
CA GLN A 40 25.84 8.77 19.52
C GLN A 40 26.55 8.04 20.69
N GLU A 41 25.92 8.04 21.88
CA GLU A 41 26.55 7.36 23.02
C GLU A 41 26.62 5.86 22.84
N LYS A 42 25.62 5.27 22.18
CA LYS A 42 25.55 3.83 22.05
C LYS A 42 26.48 3.33 20.96
N TYR A 43 26.56 4.08 19.86
CA TYR A 43 27.22 3.59 18.66
C TYR A 43 28.55 4.29 18.37
N GLY A 44 28.78 5.43 18.99
CA GLY A 44 29.84 6.33 18.54
C GLY A 44 29.32 7.52 17.76
N ASN A 45 29.90 8.68 18.03
CA ASN A 45 29.42 9.94 17.47
C ASN A 45 29.54 9.90 15.97
N ASP A 46 30.55 9.17 15.50
CA ASP A 46 30.85 9.07 14.06
C ASP A 46 29.84 8.25 13.28
N LYS A 47 28.98 7.50 13.96
CA LYS A 47 28.08 6.60 13.22
C LYS A 47 26.69 7.21 12.96
N ILE A 48 26.44 8.44 13.42
CA ILE A 48 25.11 9.04 13.35
C ILE A 48 25.08 10.25 12.41
N ILE A 49 24.14 10.21 11.46
CA ILE A 49 23.79 11.38 10.66
C ILE A 49 22.40 11.86 11.04
N ALA A 50 22.31 13.13 11.45
CA ALA A 50 21.04 13.83 11.66
C ALA A 50 20.57 14.49 10.37
N SER A 51 19.28 14.50 10.18
CA SER A 51 18.65 15.17 9.04
C SER A 51 17.41 15.88 9.51
N ASP A 52 17.16 17.05 8.94
CA ASP A 52 15.90 17.79 9.10
C ASP A 52 15.92 18.91 8.07
N LEU A 53 14.97 19.83 8.13
CA LEU A 53 14.72 20.75 7.02
C LEU A 53 15.80 21.80 6.91
N LYS A 54 16.20 22.36 8.04
CA LYS A 54 17.19 23.44 8.09
C LYS A 54 18.36 23.08 8.98
N GLU A 55 19.57 23.39 8.53
CA GLU A 55 20.76 23.17 9.33
C GLU A 55 20.88 24.25 10.39
N PRO A 56 20.88 23.87 11.69
CA PRO A 56 21.10 24.91 12.70
C PRO A 56 22.57 25.27 12.83
N GLU A 57 22.85 26.49 13.27
CA GLU A 57 24.22 26.96 13.47
C GLU A 57 24.90 26.11 14.57
N ASN A 58 26.18 25.80 14.36
CA ASN A 58 27.01 25.17 15.40
C ASN A 58 26.43 23.85 15.92
N TYR A 59 25.81 23.10 15.03
CA TYR A 59 25.20 21.85 15.40
C TYR A 59 26.29 20.83 15.76
N HIS A 60 25.93 19.88 16.61
CA HIS A 60 26.89 19.03 17.33
C HIS A 60 27.01 17.60 16.76
N CYS A 61 26.50 17.40 15.55
CA CYS A 61 26.50 16.07 14.94
C CYS A 61 26.54 16.29 13.42
N LYS A 62 26.99 15.31 12.68
CA LYS A 62 26.95 15.42 11.24
C LYS A 62 25.49 15.59 10.83
N PHE A 63 25.25 16.52 9.89
CA PHE A 63 23.89 16.91 9.49
C PHE A 63 23.74 16.98 7.97
N GLU A 64 22.69 16.35 7.46
CA GLU A 64 22.29 16.49 6.05
C GLU A 64 20.90 17.08 5.92
N LYS A 65 20.78 18.30 5.41
CA LYS A 65 19.43 18.90 5.29
C LYS A 65 18.60 18.21 4.23
N CYS A 66 17.31 18.09 4.50
CA CYS A 66 16.42 17.41 3.58
C CYS A 66 15.01 17.63 4.01
N ASP A 67 14.16 17.93 3.02
CA ASP A 67 12.73 17.78 3.19
C ASP A 67 12.41 16.31 2.92
N ILE A 68 11.74 15.68 3.87
CA ILE A 68 11.46 14.25 3.79
C ILE A 68 10.67 13.89 2.56
N ARG A 69 9.93 14.85 2.00
CA ARG A 69 9.16 14.59 0.79
C ARG A 69 10.00 14.58 -0.50
N ASP A 70 11.24 15.06 -0.40
CA ASP A 70 12.17 15.22 -1.53
C ASP A 70 12.95 13.93 -1.78
N ILE A 71 12.41 13.04 -2.58
CA ILE A 71 13.00 11.70 -2.62
C ILE A 71 14.42 11.71 -3.22
N GLU A 72 14.72 12.64 -4.10
CA GLU A 72 16.03 12.52 -4.74
C GLU A 72 17.16 12.99 -3.82
N THR A 73 16.91 14.03 -3.02
CA THR A 73 17.83 14.39 -1.98
C THR A 73 17.92 13.27 -0.96
N TYR A 74 16.78 12.67 -0.60
CA TYR A 74 16.76 11.70 0.50
C TYR A 74 17.55 10.43 0.09
N GLU A 75 17.22 9.94 -1.09
CA GLU A 75 18.00 8.93 -1.84
C GLU A 75 19.50 9.20 -1.83
N ARG A 76 19.88 10.37 -2.31
CA ARG A 76 21.29 10.76 -2.37
C ARG A 76 21.99 10.68 -1.00
N ILE A 77 21.34 11.24 0.02
CA ILE A 77 21.86 11.15 1.38
C ILE A 77 22.11 9.71 1.79
N ASN A 78 21.15 8.83 1.51
CA ASN A 78 21.29 7.43 1.92
C ASN A 78 22.29 6.70 1.05
N ASN A 79 22.36 7.08 -0.21
CA ASN A 79 23.35 6.53 -1.10
C ASN A 79 24.76 6.94 -0.72
N GLU A 80 24.98 8.25 -0.62
CA GLU A 80 26.31 8.79 -0.34
C GLU A 80 26.88 8.37 1.02
N ASN A 81 26.02 8.00 1.98
CA ASN A 81 26.48 7.86 3.34
C ASN A 81 26.50 6.41 3.79
N LYS A 82 25.95 5.51 3.01
CA LYS A 82 26.00 4.09 3.38
C LYS A 82 25.16 3.83 4.63
N ILE A 83 24.02 4.49 4.69
CA ILE A 83 23.04 4.27 5.79
C ILE A 83 22.43 2.86 5.80
N GLU A 84 22.54 2.19 6.94
CA GLU A 84 22.00 0.84 7.13
C GLU A 84 20.78 0.80 8.06
N ILE A 85 20.58 1.86 8.85
CA ILE A 85 19.48 1.93 9.79
C ILE A 85 18.96 3.36 9.80
N VAL A 86 17.65 3.50 9.81
CA VAL A 86 17.02 4.81 9.82
C VAL A 86 15.99 4.83 10.92
N TYR A 87 16.12 5.86 11.76
CA TYR A 87 15.14 6.19 12.75
C TYR A 87 14.39 7.38 12.22
N HIS A 88 13.15 7.13 11.82
CA HIS A 88 12.38 8.09 11.03
C HIS A 88 11.44 8.89 11.92
N LEU A 89 11.87 10.06 12.39
CA LEU A 89 11.04 10.85 13.33
C LEU A 89 10.42 12.07 12.69
N ALA A 90 10.63 12.27 11.40
CA ALA A 90 10.03 13.44 10.74
C ALA A 90 8.51 13.30 10.72
N ALA A 91 7.78 14.33 11.10
CA ALA A 91 6.34 14.21 11.17
C ALA A 91 5.70 15.55 11.41
N ILE A 92 4.48 15.70 10.93
CA ILE A 92 3.57 16.75 11.37
C ILE A 92 2.60 16.19 12.41
N LEU A 93 2.57 16.82 13.59
CA LEU A 93 1.84 16.26 14.72
C LEU A 93 0.36 16.69 14.73
N SER A 94 -0.36 16.33 15.79
CA SER A 94 -1.82 16.29 15.72
C SER A 94 -2.43 17.67 15.59
N ALA A 95 -2.01 18.59 16.44
CA ALA A 95 -2.52 19.95 16.43
C ALA A 95 -2.25 20.69 15.12
N ALA A 96 -1.01 20.69 14.67
CA ALA A 96 -0.65 21.26 13.35
C ALA A 96 -1.44 20.61 12.23
N GLY A 97 -1.66 19.31 12.34
CA GLY A 97 -2.43 18.58 11.30
C GLY A 97 -3.92 18.89 11.19
N GLU A 98 -4.58 19.15 12.33
CA GLU A 98 -5.96 19.61 12.30
C GLU A 98 -6.05 20.95 11.62
N LYS A 99 -5.03 21.77 11.80
CA LYS A 99 -5.00 23.09 11.18
C LYS A 99 -4.69 23.02 9.68
N ASN A 100 -3.80 22.10 9.29
CA ASN A 100 -3.42 21.97 7.87
C ASN A 100 -3.39 20.51 7.45
N PRO A 101 -4.55 19.94 7.11
CA PRO A 101 -4.64 18.50 6.92
C PRO A 101 -3.85 18.03 5.73
N GLU A 102 -3.80 18.86 4.69
CA GLU A 102 -3.08 18.54 3.46
C GLU A 102 -1.59 18.33 3.75
N LEU A 103 -0.98 19.25 4.48
CA LEU A 103 0.42 19.21 4.82
C LEU A 103 0.71 18.00 5.70
N CYS A 104 -0.23 17.71 6.61
CA CYS A 104 -0.05 16.61 7.54
C CYS A 104 0.01 15.27 6.79
N HIS A 105 -0.87 15.10 5.79
CA HIS A 105 -0.85 13.91 4.98
C HIS A 105 0.42 13.81 4.13
N ASP A 106 0.80 14.95 3.54
CA ASP A 106 1.89 14.95 2.56
C ASP A 106 3.20 14.52 3.26
N VAL A 107 3.54 15.21 4.34
CA VAL A 107 4.70 14.85 5.14
C VAL A 107 4.61 13.45 5.75
N ASN A 108 3.52 13.13 6.45
CA ASN A 108 3.45 11.86 7.18
C ASN A 108 3.30 10.64 6.28
N TYR A 109 2.49 10.74 5.22
CA TYR A 109 2.27 9.58 4.35
C TYR A 109 3.36 9.48 3.29
N ASN A 110 3.56 10.56 2.53
CA ASN A 110 4.52 10.52 1.42
C ASN A 110 5.98 10.43 1.93
N GLY A 111 6.27 11.14 3.02
CA GLY A 111 7.58 11.05 3.66
C GLY A 111 7.87 9.63 4.08
N LEU A 112 6.87 9.00 4.70
CA LEU A 112 7.07 7.67 5.19
C LEU A 112 7.29 6.76 3.97
N GLU A 113 6.51 6.95 2.91
CA GLU A 113 6.70 6.11 1.72
C GLU A 113 8.10 6.24 1.13
N ASN A 114 8.66 7.44 1.17
CA ASN A 114 10.04 7.67 0.72
C ASN A 114 11.06 6.90 1.56
N VAL A 115 10.82 6.86 2.87
CA VAL A 115 11.67 6.09 3.77
C VAL A 115 11.54 4.58 3.46
N LEU A 116 10.32 4.12 3.31
CA LEU A 116 10.10 2.72 3.04
C LEU A 116 10.76 2.28 1.73
N LYS A 117 10.49 2.98 0.63
CA LYS A 117 11.05 2.59 -0.67
C LYS A 117 12.58 2.57 -0.62
N THR A 118 13.14 3.56 0.04
CA THR A 118 14.58 3.67 0.15
C THR A 118 15.18 2.54 1.01
N ALA A 119 14.49 2.17 2.09
CA ALA A 119 14.88 1.01 2.89
C ALA A 119 14.90 -0.29 2.06
N LYS A 120 13.91 -0.45 1.18
CA LYS A 120 13.85 -1.62 0.32
C LYS A 120 15.04 -1.62 -0.64
N LYS A 121 15.29 -0.48 -1.27
CA LYS A 121 16.41 -0.32 -2.21
C LYS A 121 17.77 -0.61 -1.56
N TYR A 122 17.98 -0.09 -0.36
CA TYR A 122 19.28 -0.22 0.29
C TYR A 122 19.31 -1.26 1.39
N ASN A 123 18.28 -2.09 1.49
CA ASN A 123 18.22 -3.13 2.51
C ASN A 123 18.42 -2.61 3.95
N GLN A 124 17.66 -1.60 4.35
CA GLN A 124 17.85 -1.02 5.66
C GLN A 124 16.90 -1.56 6.72
N LYS A 125 17.30 -1.33 7.97
CA LYS A 125 16.49 -1.65 9.14
C LYS A 125 15.85 -0.33 9.50
N LEU A 126 14.64 -0.33 10.04
CA LEU A 126 13.91 0.94 10.24
C LEU A 126 13.22 1.01 11.58
N PHE A 127 13.14 2.22 12.14
CA PHE A 127 12.25 2.54 13.21
C PHE A 127 11.31 3.62 12.68
N CYS A 128 10.04 3.28 12.61
CA CYS A 128 9.01 4.20 12.10
C CYS A 128 7.88 4.25 13.12
N PRO A 129 7.87 5.27 13.99
CA PRO A 129 6.86 5.34 15.04
C PRO A 129 5.44 5.66 14.57
N SER A 130 4.51 5.28 15.44
CA SER A 130 3.09 5.62 15.34
C SER A 130 2.73 6.48 16.58
N SER A 131 1.51 6.39 17.05
CA SER A 131 0.96 7.28 18.04
C SER A 131 -0.27 6.66 18.65
N ILE A 132 -0.53 6.96 19.92
CA ILE A 132 -1.83 6.68 20.54
C ILE A 132 -2.97 7.40 19.78
N ALA A 133 -2.64 8.32 18.91
CA ALA A 133 -3.64 8.94 18.04
C ALA A 133 -4.34 7.98 17.06
N VAL A 134 -3.89 6.73 16.93
CA VAL A 134 -4.57 5.78 16.06
C VAL A 134 -5.94 5.37 16.62
N PHE A 135 -6.14 5.63 17.91
CA PHE A 135 -7.31 5.15 18.63
C PHE A 135 -8.38 6.22 18.66
N GLY A 136 -9.64 5.78 18.53
CA GLY A 136 -10.78 6.65 18.71
C GLY A 136 -11.65 6.19 19.85
N PRO A 137 -12.73 6.93 20.13
CA PRO A 137 -13.64 6.59 21.24
C PRO A 137 -14.55 5.37 21.01
N ASP A 138 -14.42 4.67 19.88
CA ASP A 138 -15.19 3.46 19.66
C ASP A 138 -14.53 2.26 20.38
N VAL A 139 -13.30 2.42 20.86
CA VAL A 139 -12.65 1.36 21.63
C VAL A 139 -12.34 1.85 23.04
N PRO A 140 -12.00 0.93 23.95
CA PRO A 140 -11.87 1.30 25.36
C PRO A 140 -10.89 2.44 25.58
N LYS A 141 -11.26 3.37 26.46
CA LYS A 141 -10.40 4.47 26.87
C LYS A 141 -9.42 4.09 27.97
N GLU A 142 -9.79 3.09 28.79
CA GLU A 142 -8.93 2.57 29.85
C GLU A 142 -8.21 1.34 29.35
N MET A 143 -6.89 1.34 29.48
CA MET A 143 -6.06 0.21 29.11
C MET A 143 -6.35 -0.31 27.73
N THR A 144 -6.42 0.60 26.78
CA THR A 144 -6.66 0.23 25.40
C THR A 144 -5.78 -0.95 24.96
N PRO A 145 -6.41 -2.03 24.46
CA PRO A 145 -5.63 -3.17 24.08
C PRO A 145 -4.90 -2.97 22.76
N GLN A 146 -3.88 -3.79 22.56
CA GLN A 146 -3.05 -3.75 21.34
C GLN A 146 -3.86 -3.87 20.05
N ASN A 147 -4.83 -4.79 20.01
CA ASN A 147 -5.42 -5.20 18.72
C ASN A 147 -6.81 -4.70 18.42
N VAL A 148 -7.21 -3.59 19.00
CA VAL A 148 -8.52 -3.02 18.75
C VAL A 148 -8.64 -2.41 17.37
N GLU A 149 -9.88 -2.16 16.98
CA GLU A 149 -10.13 -1.46 15.73
C GLU A 149 -9.60 -0.04 15.81
N LEU A 150 -9.04 0.43 14.69
CA LEU A 150 -8.46 1.79 14.64
C LEU A 150 -9.33 2.79 13.85
N ASN A 151 -10.11 3.60 14.54
CA ASN A 151 -11.01 4.55 13.88
C ASN A 151 -10.79 5.95 14.44
N PRO A 152 -9.63 6.56 14.13
CA PRO A 152 -9.27 7.84 14.73
C PRO A 152 -10.13 8.99 14.25
N LYS A 153 -10.29 9.98 15.12
CA LYS A 153 -11.08 11.17 14.80
C LYS A 153 -10.22 12.39 14.48
N THR A 154 -8.93 12.20 14.19
CA THR A 154 -8.06 13.28 13.80
C THR A 154 -7.40 13.01 12.49
N VAL A 155 -7.01 14.09 11.81
CA VAL A 155 -6.23 13.97 10.60
C VAL A 155 -4.93 13.19 10.83
N TYR A 156 -4.22 13.58 11.87
CA TYR A 156 -2.94 12.96 12.24
C TYR A 156 -3.12 11.45 12.51
N GLY A 157 -4.14 11.14 13.30
CA GLY A 157 -4.54 9.76 13.60
C GLY A 157 -4.72 8.94 12.36
N ILE A 158 -5.46 9.49 11.41
CA ILE A 158 -5.69 8.79 10.16
C ILE A 158 -4.37 8.54 9.43
N THR A 159 -3.48 9.53 9.38
CA THR A 159 -2.15 9.31 8.78
C THR A 159 -1.35 8.24 9.50
N LYS A 160 -1.51 8.15 10.81
CA LYS A 160 -0.74 7.13 11.56
C LYS A 160 -1.24 5.69 11.31
N VAL A 161 -2.54 5.50 11.15
CA VAL A 161 -3.08 4.19 10.84
C VAL A 161 -2.57 3.75 9.47
N LYS A 162 -2.58 4.67 8.52
CA LYS A 162 -2.14 4.37 7.15
C LYS A 162 -0.65 4.01 7.13
N GLY A 163 0.11 4.71 7.97
CA GLY A 163 1.53 4.47 8.17
C GLY A 163 1.78 3.11 8.77
N GLU A 164 1.00 2.74 9.80
CA GLU A 164 1.18 1.39 10.40
C GLU A 164 0.97 0.33 9.32
N GLU A 165 -0.03 0.55 8.49
CA GLU A 165 -0.39 -0.41 7.48
C GLU A 165 0.68 -0.50 6.39
N LEU A 166 1.22 0.64 5.97
CA LEU A 166 2.34 0.68 5.03
C LEU A 166 3.53 -0.07 5.59
N CYS A 167 3.89 0.23 6.85
CA CYS A 167 5.03 -0.44 7.45
C CYS A 167 4.85 -1.94 7.44
N ASP A 168 3.66 -2.41 7.82
CA ASP A 168 3.45 -3.84 7.96
C ASP A 168 3.42 -4.54 6.57
N THR A 169 2.93 -3.83 5.58
CA THR A 169 3.08 -4.23 4.16
C THR A 169 4.55 -4.39 3.73
N TYR A 170 5.38 -3.41 4.04
CA TYR A 170 6.82 -3.51 3.75
C TYR A 170 7.47 -4.68 4.49
N PHE A 171 6.96 -4.97 5.67
CA PHE A 171 7.42 -6.13 6.40
C PHE A 171 7.00 -7.40 5.70
N LYS A 172 5.74 -7.48 5.31
CA LYS A 172 5.20 -8.70 4.76
C LYS A 172 5.70 -8.91 3.34
N GLU A 173 5.62 -7.87 2.54
CA GLU A 173 5.76 -8.05 1.11
C GLU A 173 7.19 -7.89 0.65
N HIS A 174 8.00 -7.12 1.38
CA HIS A 174 9.32 -6.77 0.93
C HIS A 174 10.35 -7.13 1.99
N GLY A 175 9.91 -7.72 3.08
CA GLY A 175 10.84 -8.30 4.06
C GLY A 175 11.67 -7.29 4.83
N ILE A 176 11.17 -6.07 4.92
CA ILE A 176 11.83 -4.97 5.63
C ILE A 176 11.56 -5.12 7.11
N ASP A 177 12.63 -5.22 7.89
CA ASP A 177 12.55 -5.18 9.34
C ASP A 177 12.31 -3.75 9.76
N VAL A 178 11.04 -3.39 9.81
CA VAL A 178 10.63 -2.08 10.29
C VAL A 178 9.94 -2.26 11.63
N ARG A 179 10.25 -1.38 12.57
CA ARG A 179 9.72 -1.53 13.92
C ARG A 179 9.21 -0.20 14.38
N GLY A 180 8.22 -0.23 15.25
CA GLY A 180 7.65 1.00 15.77
C GLY A 180 6.89 0.90 17.08
N ILE A 181 6.69 2.08 17.67
CA ILE A 181 6.02 2.27 18.94
C ILE A 181 4.91 3.32 18.76
N ARG A 182 3.72 3.05 19.32
CA ARG A 182 2.63 4.05 19.41
C ARG A 182 2.93 4.96 20.58
N TYR A 183 3.75 5.98 20.33
CA TYR A 183 4.20 6.81 21.39
C TYR A 183 3.00 7.46 22.08
N PRO A 184 3.00 7.43 23.42
CA PRO A 184 2.10 8.30 24.16
C PRO A 184 2.62 9.74 24.20
N GLY A 185 1.97 10.59 25.00
CA GLY A 185 2.50 11.94 25.24
C GLY A 185 3.87 11.90 25.88
N LEU A 186 4.80 12.71 25.36
CA LEU A 186 6.19 12.65 25.83
C LEU A 186 6.59 13.97 26.47
N ILE A 187 7.22 13.89 27.63
CA ILE A 187 7.62 15.05 28.40
C ILE A 187 9.13 15.13 28.44
N SER A 188 9.64 16.31 28.12
CA SER A 188 11.09 16.56 28.13
C SER A 188 11.39 18.03 28.48
N TRP A 189 12.64 18.29 28.87
CA TRP A 189 13.08 19.64 29.10
C TRP A 189 14.10 20.10 28.06
N LYS A 190 14.69 19.18 27.30
CA LYS A 190 15.82 19.55 26.44
C LYS A 190 15.34 20.25 25.16
N HIS A 191 14.09 20.05 24.79
CA HIS A 191 13.45 20.79 23.71
C HIS A 191 12.37 21.69 24.30
N LYS A 192 12.15 22.84 23.68
CA LYS A 192 11.11 23.77 24.14
C LYS A 192 9.77 23.27 23.63
N PRO A 193 8.68 23.64 24.32
CA PRO A 193 7.31 23.29 23.87
C PRO A 193 7.07 23.56 22.39
N SER A 194 6.54 22.57 21.66
CA SER A 194 6.31 22.70 20.19
C SER A 194 4.84 23.02 19.79
N GLY A 195 4.06 23.56 20.72
CA GLY A 195 2.65 23.94 20.46
C GLY A 195 1.71 22.73 20.28
N GLY A 196 2.16 21.54 20.63
CA GLY A 196 1.43 20.32 20.23
C GLY A 196 0.31 20.01 21.23
N THR A 197 -0.49 19.01 20.89
CA THR A 197 -1.60 18.57 21.78
C THR A 197 -1.16 18.11 23.19
N THR A 198 -0.10 17.30 23.31
CA THR A 198 0.33 16.81 24.63
C THR A 198 1.25 17.79 25.33
N ASP A 199 1.60 18.86 24.63
CA ASP A 199 2.55 19.82 25.10
C ASP A 199 2.09 20.66 26.31
N TYR A 200 0.84 20.53 26.76
CA TYR A 200 0.47 21.20 28.02
C TYR A 200 1.29 20.64 29.17
N ALA A 201 1.68 19.38 29.06
CA ALA A 201 2.45 18.76 30.13
C ALA A 201 3.82 19.45 30.25
N VAL A 202 4.48 19.65 29.11
CA VAL A 202 5.80 20.27 29.08
C VAL A 202 5.68 21.75 29.43
N GLU A 203 4.75 22.45 28.79
CA GLU A 203 4.59 23.88 29.04
C GLU A 203 4.33 24.18 30.50
N MET A 204 3.53 23.34 31.15
CA MET A 204 3.26 23.56 32.56
C MET A 204 4.56 23.58 33.38
N TYR A 205 5.50 22.66 33.12
CA TYR A 205 6.77 22.65 33.86
C TYR A 205 7.58 23.96 33.61
N PHE A 206 7.74 24.30 32.34
CA PHE A 206 8.56 25.44 31.94
C PHE A 206 7.98 26.72 32.55
N ASP A 207 6.67 26.91 32.46
CA ASP A 207 6.07 28.19 32.90
C ASP A 207 5.98 28.27 34.42
N ALA A 208 5.70 27.12 35.04
CA ALA A 208 5.76 27.02 36.50
C ALA A 208 7.08 27.52 36.97
N VAL A 209 8.16 26.95 36.46
CA VAL A 209 9.48 27.34 36.95
C VAL A 209 9.89 28.76 36.53
N GLU A 210 9.63 29.17 35.28
CA GLU A 210 10.07 30.48 34.78
C GLU A 210 9.28 31.64 35.40
N SER A 211 7.97 31.49 35.51
CA SER A 211 7.13 32.66 35.83
C SER A 211 6.10 32.43 36.93
N GLY A 212 6.04 31.22 37.45
CA GLY A 212 5.05 30.86 38.47
C GLY A 212 3.59 30.92 38.02
N LYS A 213 3.37 30.98 36.69
CA LYS A 213 2.02 31.16 36.12
C LYS A 213 1.90 30.30 34.87
N TYR A 214 0.79 29.59 34.69
CA TYR A 214 0.56 28.83 33.45
C TYR A 214 -0.90 28.90 33.03
N GLU A 215 -1.13 29.14 31.75
CA GLU A 215 -2.48 29.01 31.16
C GLU A 215 -2.53 27.71 30.35
N CYS A 216 -3.23 26.72 30.88
CA CYS A 216 -3.31 25.39 30.28
C CYS A 216 -4.36 25.42 29.17
N PHE A 217 -4.06 24.82 28.02
CA PHE A 217 -4.97 24.85 26.85
C PHE A 217 -5.90 23.64 26.75
N VAL A 218 -5.91 22.80 27.79
CA VAL A 218 -6.94 21.79 27.95
C VAL A 218 -7.56 21.92 29.33
N ASN A 219 -8.69 21.26 29.58
CA ASN A 219 -9.36 21.47 30.86
C ASN A 219 -8.66 20.64 31.90
N ARG A 220 -8.98 20.91 33.15
CA ARG A 220 -8.19 20.40 34.26
C ARG A 220 -8.26 18.90 34.40
N ASN A 221 -9.30 18.28 33.84
CA ASN A 221 -9.46 16.84 33.96
C ASN A 221 -8.90 16.04 32.78
N THR A 222 -8.31 16.72 31.80
CA THR A 222 -7.83 16.09 30.59
C THR A 222 -6.76 15.08 30.96
N ARG A 223 -6.93 13.83 30.55
CA ARG A 223 -6.19 12.74 31.07
C ARG A 223 -5.68 11.98 29.86
N LEU A 224 -4.36 11.85 29.73
CA LEU A 224 -3.76 11.13 28.60
C LEU A 224 -2.66 10.22 29.11
N PRO A 225 -2.33 9.22 28.31
CA PRO A 225 -1.12 8.44 28.54
C PRO A 225 0.13 9.29 28.32
N MET A 226 1.09 9.22 29.26
CA MET A 226 2.25 10.10 29.25
C MET A 226 3.49 9.30 29.66
N MET A 227 4.65 9.76 29.24
CA MET A 227 5.91 9.09 29.49
C MET A 227 7.02 10.12 29.50
N PHE A 228 8.00 9.94 30.38
CA PHE A 228 9.15 10.85 30.40
C PHE A 228 10.09 10.51 29.25
N MET A 229 10.75 11.49 28.66
CA MET A 229 11.54 11.19 27.43
C MET A 229 12.59 10.08 27.60
N ASP A 230 13.30 10.05 28.73
CA ASP A 230 14.33 9.01 28.94
C ASP A 230 13.72 7.62 28.69
N ASP A 231 12.51 7.41 29.18
CA ASP A 231 11.85 6.10 29.05
C ASP A 231 11.50 5.84 27.58
N ALA A 232 10.99 6.85 26.90
CA ALA A 232 10.64 6.65 25.50
C ALA A 232 11.84 6.39 24.59
N ILE A 233 12.96 7.06 24.87
CA ILE A 233 14.16 6.89 24.08
C ILE A 233 14.74 5.48 24.35
N ARG A 234 14.72 5.07 25.62
CA ARG A 234 15.19 3.72 25.98
C ARG A 234 14.37 2.62 25.32
N ALA A 235 13.05 2.79 25.37
CA ALA A 235 12.14 1.82 24.75
C ALA A 235 12.46 1.67 23.27
N THR A 236 12.76 2.79 22.64
CA THR A 236 13.02 2.81 21.19
C THR A 236 14.27 1.99 20.91
N LEU A 237 15.33 2.23 21.68
CA LEU A 237 16.60 1.52 21.49
C LEU A 237 16.46 0.05 21.80
N GLU A 238 15.80 -0.26 22.92
CA GLU A 238 15.57 -1.65 23.32
C GLU A 238 14.81 -2.42 22.23
N LEU A 239 13.70 -1.85 21.77
CA LEU A 239 12.92 -2.50 20.70
C LEU A 239 13.77 -2.77 19.47
N MET A 240 14.59 -1.78 19.10
CA MET A 240 15.43 -1.90 17.92
C MET A 240 16.53 -2.98 18.08
N ASP A 241 16.92 -3.24 19.32
CA ASP A 241 17.91 -4.26 19.69
C ASP A 241 17.38 -5.69 19.76
N ALA A 242 16.06 -5.84 19.82
CA ALA A 242 15.47 -7.13 20.12
C ALA A 242 15.69 -8.07 18.93
N PRO A 243 15.84 -9.38 19.21
CA PRO A 243 15.85 -10.37 18.13
C PRO A 243 14.53 -10.33 17.41
N LEU A 244 14.60 -10.31 16.08
CA LEU A 244 13.42 -10.12 15.26
C LEU A 244 12.41 -11.23 15.55
N ASP A 245 12.89 -12.46 15.72
CA ASP A 245 11.97 -13.60 15.99
C ASP A 245 11.23 -13.49 17.32
N SER A 246 11.67 -12.60 18.21
CA SER A 246 10.95 -12.34 19.45
C SER A 246 9.74 -11.46 19.32
N LEU A 247 9.63 -10.75 18.22
CA LEU A 247 8.55 -9.75 18.07
C LEU A 247 7.29 -10.38 17.44
N ASN A 248 6.14 -10.21 18.08
CA ASN A 248 4.85 -10.58 17.50
C ASN A 248 4.14 -9.39 16.87
N TYR A 249 4.71 -8.20 17.05
CA TYR A 249 4.26 -6.98 16.43
C TYR A 249 5.48 -6.29 15.80
N HIS A 250 5.20 -5.43 14.83
CA HIS A 250 6.25 -4.74 14.13
C HIS A 250 6.18 -3.21 14.27
N SER A 251 5.28 -2.58 13.54
CA SER A 251 5.27 -1.14 13.37
C SER A 251 4.63 -0.44 14.58
N ASN A 252 3.88 -1.17 15.41
CA ASN A 252 2.81 -0.52 16.24
C ASN A 252 2.63 -1.00 17.67
N TYR A 253 3.73 -1.22 18.39
CA TYR A 253 3.66 -1.63 19.78
C TYR A 253 3.02 -0.53 20.64
N ASN A 254 1.92 -0.85 21.33
CA ASN A 254 1.45 -0.04 22.45
C ASN A 254 2.59 0.10 23.42
N LEU A 255 2.65 1.22 24.11
CA LEU A 255 3.70 1.45 25.07
C LEU A 255 3.19 2.42 26.16
N SER A 256 3.39 2.09 27.43
CA SER A 256 2.74 2.77 28.54
C SER A 256 3.75 3.13 29.62
N SER A 257 3.49 4.25 30.32
CA SER A 257 4.13 4.53 31.60
C SER A 257 3.14 5.07 32.59
N MET A 258 2.68 6.29 32.37
CA MET A 258 1.82 7.05 33.27
C MET A 258 0.51 7.42 32.58
N SER A 259 -0.48 7.74 33.39
CA SER A 259 -1.69 8.39 32.91
C SER A 259 -2.10 9.29 34.07
N PHE A 260 -2.34 10.55 33.79
CA PHE A 260 -2.71 11.51 34.82
C PHE A 260 -3.42 12.65 34.15
N SER A 261 -4.20 13.38 34.92
CA SER A 261 -4.86 14.57 34.45
C SER A 261 -3.99 15.82 34.64
N ALA A 262 -4.37 16.88 33.96
CA ALA A 262 -3.64 18.12 34.00
C ALA A 262 -3.56 18.70 35.42
N GLU A 263 -4.68 18.64 36.17
CA GLU A 263 -4.63 19.09 37.56
C GLU A 263 -3.78 18.23 38.49
N GLU A 264 -3.69 16.94 38.21
CA GLU A 264 -2.83 16.05 38.98
C GLU A 264 -1.39 16.42 38.76
N LEU A 265 -1.01 16.68 37.51
CA LEU A 265 0.32 17.23 37.21
C LEU A 265 0.57 18.60 37.93
N GLU A 266 -0.41 19.48 37.88
CA GLU A 266 -0.29 20.77 38.57
C GLU A 266 0.04 20.55 40.06
N LYS A 267 -0.71 19.64 40.69
CA LYS A 267 -0.49 19.32 42.08
C LYS A 267 0.90 18.77 42.36
N GLU A 268 1.42 17.92 41.48
CA GLU A 268 2.77 17.39 41.66
C GLU A 268 3.81 18.51 41.55
N ILE A 269 3.65 19.37 40.57
CA ILE A 269 4.56 20.50 40.36
C ILE A 269 4.52 21.48 41.52
N SER A 270 3.32 21.72 42.04
CA SER A 270 3.09 22.63 43.16
C SER A 270 3.76 22.17 44.43
N ALA A 271 4.08 20.89 44.54
CA ALA A 271 4.84 20.40 45.70
C ALA A 271 6.31 20.87 45.69
N HIS A 272 6.77 21.43 44.57
CA HIS A 272 8.14 21.92 44.44
C HIS A 272 8.22 23.43 44.30
N VAL A 273 7.15 24.02 43.75
CA VAL A 273 7.24 25.30 43.09
C VAL A 273 5.88 25.94 43.24
N ASP A 274 5.84 27.15 43.80
CA ASP A 274 4.60 27.90 43.87
C ASP A 274 4.18 28.33 42.47
N PHE A 275 2.97 28.00 42.08
CA PHE A 275 2.49 28.51 40.81
C PHE A 275 1.00 28.40 40.71
N ASN A 276 0.44 29.39 40.04
CA ASN A 276 -0.98 29.51 39.81
C ASN A 276 -1.29 29.05 38.39
N CYS A 277 -2.21 28.12 38.24
CA CYS A 277 -2.53 27.50 36.96
C CYS A 277 -3.96 27.87 36.60
N LEU A 278 -4.18 28.42 35.42
CA LEU A 278 -5.52 28.75 34.95
C LEU A 278 -5.82 27.90 33.72
N TYR A 279 -7.04 27.38 33.63
CA TYR A 279 -7.46 26.48 32.55
C TYR A 279 -8.37 27.21 31.57
N LYS A 280 -7.90 27.28 30.32
CA LYS A 280 -8.58 27.93 29.21
C LYS A 280 -8.47 27.05 27.97
N PRO A 281 -9.36 26.09 27.81
CA PRO A 281 -9.21 25.16 26.68
C PRO A 281 -9.33 25.78 25.30
N ASP A 282 -8.66 25.15 24.33
CA ASP A 282 -8.83 25.57 22.95
C ASP A 282 -9.02 24.32 22.08
N TYR A 283 -8.77 24.44 20.78
CA TYR A 283 -9.14 23.40 19.84
C TYR A 283 -8.47 22.06 20.14
N ARG A 284 -7.31 22.11 20.79
CA ARG A 284 -6.56 20.91 21.18
C ARG A 284 -7.32 20.01 22.16
N GLN A 285 -8.21 20.60 22.98
CA GLN A 285 -9.12 19.82 23.79
C GLN A 285 -9.84 18.76 22.97
N ASP A 286 -10.36 19.14 21.83
CA ASP A 286 -11.19 18.25 21.02
C ASP A 286 -10.37 17.13 20.37
N ILE A 287 -9.07 17.33 20.23
CA ILE A 287 -8.17 16.24 19.88
C ILE A 287 -7.97 15.29 21.07
N ALA A 288 -7.53 15.84 22.18
CA ALA A 288 -7.25 15.05 23.37
C ALA A 288 -8.47 14.27 23.85
N ASP A 289 -9.67 14.83 23.68
CA ASP A 289 -10.89 14.16 24.13
C ASP A 289 -11.16 12.86 23.37
N THR A 290 -10.61 12.72 22.17
CA THR A 290 -10.90 11.54 21.36
C THR A 290 -9.89 10.45 21.59
N TRP A 291 -8.94 10.67 22.51
CA TRP A 291 -7.88 9.69 22.76
C TRP A 291 -8.08 8.91 24.06
N PRO A 292 -7.41 7.73 24.18
CA PRO A 292 -7.50 6.96 25.44
C PRO A 292 -6.92 7.71 26.63
N ILE A 293 -7.24 7.21 27.80
CA ILE A 293 -6.69 7.66 29.07
C ILE A 293 -5.41 6.89 29.39
N SER A 294 -5.35 5.63 28.98
CA SER A 294 -4.30 4.70 29.35
C SER A 294 -4.24 3.55 28.36
N ILE A 295 -3.12 2.82 28.38
CA ILE A 295 -2.78 1.91 27.29
C ILE A 295 -2.30 0.57 27.87
N ASN A 296 -2.87 -0.54 27.36
CA ASN A 296 -2.37 -1.87 27.66
C ASN A 296 -1.18 -2.23 26.78
N ASP A 297 0.03 -2.25 27.35
CA ASP A 297 1.25 -2.55 26.59
C ASP A 297 1.86 -3.93 26.92
N ASP A 298 1.02 -4.91 27.21
CA ASP A 298 1.52 -6.17 27.67
C ASP A 298 2.40 -6.80 26.60
N ASP A 299 2.08 -6.58 25.34
CA ASP A 299 2.86 -7.22 24.26
C ASP A 299 4.31 -6.75 24.22
N ALA A 300 4.51 -5.46 24.50
CA ALA A 300 5.84 -4.86 24.61
C ALA A 300 6.57 -5.39 25.84
N ARG A 301 5.86 -5.46 26.95
CA ARG A 301 6.41 -6.03 28.18
C ARG A 301 6.80 -7.48 28.03
N LYS A 302 5.97 -8.23 27.31
CA LYS A 302 6.22 -9.65 27.07
C LYS A 302 7.30 -9.92 26.01
N ASP A 303 7.12 -9.36 24.83
CA ASP A 303 7.95 -9.75 23.70
C ASP A 303 9.40 -9.33 23.94
N TRP A 304 9.60 -8.10 24.38
CA TRP A 304 10.94 -7.56 24.40
C TRP A 304 11.32 -6.86 25.71
N GLY A 305 10.61 -7.18 26.80
CA GLY A 305 11.11 -6.83 28.14
C GLY A 305 10.91 -5.37 28.55
N TRP A 306 9.98 -4.68 27.92
CA TRP A 306 9.73 -3.29 28.30
C TRP A 306 9.27 -3.16 29.75
N GLU A 307 9.86 -2.18 30.44
CA GLU A 307 9.45 -1.71 31.75
C GLU A 307 9.84 -0.22 31.83
N PRO A 308 8.91 0.70 32.12
CA PRO A 308 9.36 2.07 32.37
C PRO A 308 10.09 2.26 33.70
N LYS A 309 10.89 3.31 33.80
CA LYS A 309 11.59 3.64 35.07
C LYS A 309 11.18 4.97 35.70
N PHE A 310 10.51 5.84 34.95
CA PHE A 310 10.15 7.16 35.52
C PHE A 310 8.69 7.27 35.82
N ASP A 311 8.37 7.35 37.10
CA ASP A 311 7.04 7.71 37.58
C ASP A 311 6.93 9.22 37.67
N ILE A 312 5.76 9.74 38.06
CA ILE A 312 5.55 11.19 38.02
C ILE A 312 6.50 11.96 38.98
N SER A 313 6.85 11.34 40.10
CA SER A 313 7.78 11.94 41.07
C SER A 313 9.13 12.12 40.45
N LYS A 314 9.71 11.04 39.97
CA LYS A 314 11.07 11.10 39.47
C LYS A 314 11.17 11.97 38.23
N MET A 315 10.15 11.89 37.36
CA MET A 315 10.08 12.78 36.21
C MET A 315 10.07 14.24 36.70
N THR A 316 9.21 14.56 37.66
CA THR A 316 9.13 15.99 37.99
C THR A 316 10.40 16.51 38.70
N GLU A 317 11.08 15.66 39.45
CA GLU A 317 12.43 15.98 39.96
C GLU A 317 13.44 16.37 38.86
N GLU A 318 13.56 15.55 37.81
CA GLU A 318 14.44 15.87 36.68
C GLU A 318 14.03 17.18 36.04
N MET A 319 12.74 17.33 35.78
CA MET A 319 12.26 18.50 35.02
C MET A 319 12.57 19.79 35.81
N ILE A 320 12.13 19.82 37.04
CA ILE A 320 12.30 21.02 37.86
C ILE A 320 13.77 21.31 38.19
N THR A 321 14.54 20.27 38.52
CA THR A 321 15.96 20.47 38.77
C THR A 321 16.61 21.15 37.55
N ASN A 322 16.36 20.62 36.36
CA ASN A 322 16.99 21.16 35.17
C ASN A 322 16.44 22.51 34.73
N LEU A 323 15.13 22.73 34.90
CA LEU A 323 14.55 24.02 34.52
C LEU A 323 14.99 25.12 35.47
N ARG A 324 15.15 24.79 36.75
CA ARG A 324 15.66 25.77 37.70
C ARG A 324 17.05 26.21 37.28
N ARG A 325 17.88 25.24 36.88
CA ARG A 325 19.24 25.49 36.45
C ARG A 325 19.26 26.43 35.26
N LEU A 326 18.41 26.16 34.28
CA LEU A 326 18.33 27.01 33.09
C LEU A 326 17.83 28.42 33.38
N ASN A 327 17.13 28.60 34.49
CA ASN A 327 16.63 29.93 34.85
C ASN A 327 17.41 30.67 35.94
N GLU A 328 18.59 30.18 36.30
CA GLU A 328 19.45 30.87 37.27
C GLU A 328 19.82 32.29 36.83
N MET B 21 1.04 10.01 -26.12
CA MET B 21 1.53 8.63 -26.43
C MET B 21 0.94 7.59 -25.49
N ILE B 22 0.75 6.38 -26.01
CA ILE B 22 0.19 5.27 -25.23
C ILE B 22 1.16 4.10 -25.17
N LEU B 23 1.41 3.58 -23.96
CA LEU B 23 2.26 2.40 -23.77
C LEU B 23 1.41 1.20 -23.42
N VAL B 24 1.69 0.08 -24.07
CA VAL B 24 1.10 -1.22 -23.70
C VAL B 24 2.20 -2.13 -23.21
N THR B 25 2.16 -2.47 -21.93
CA THR B 25 3.00 -3.55 -21.40
C THR B 25 2.33 -4.90 -21.60
N GLY B 26 3.14 -5.94 -21.53
CA GLY B 26 2.73 -7.28 -21.93
C GLY B 26 2.16 -7.32 -23.33
N ALA B 27 2.79 -6.62 -24.26
CA ALA B 27 2.14 -6.38 -25.55
C ALA B 27 2.07 -7.65 -26.41
N LEU B 28 2.89 -8.65 -26.09
CA LEU B 28 2.97 -9.88 -26.88
C LEU B 28 1.99 -10.98 -26.46
N GLY B 29 1.36 -10.78 -25.31
CA GLY B 29 0.37 -11.70 -24.79
C GLY B 29 -0.91 -11.81 -25.59
N GLN B 30 -1.79 -12.70 -25.12
CA GLN B 30 -3.07 -12.94 -25.79
C GLN B 30 -3.86 -11.64 -25.93
N ILE B 31 -3.98 -10.89 -24.84
CA ILE B 31 -4.72 -9.64 -24.84
C ILE B 31 -3.93 -8.54 -25.55
N GLY B 32 -2.66 -8.35 -25.19
CA GLY B 32 -1.84 -7.29 -25.77
C GLY B 32 -1.72 -7.31 -27.29
N THR B 33 -1.64 -8.50 -27.85
CA THR B 33 -1.64 -8.67 -29.29
C THR B 33 -2.76 -7.87 -29.94
N GLU B 34 -3.98 -8.00 -29.40
CA GLU B 34 -5.16 -7.44 -30.09
C GLU B 34 -5.40 -6.00 -29.61
N LEU B 35 -4.97 -5.71 -28.39
CA LEU B 35 -5.18 -4.37 -27.85
C LEU B 35 -4.30 -3.33 -28.54
N VAL B 36 -3.07 -3.72 -28.86
CA VAL B 36 -2.17 -2.89 -29.64
C VAL B 36 -2.80 -2.53 -30.98
N LEU B 37 -3.39 -3.50 -31.65
CA LEU B 37 -3.99 -3.25 -32.96
C LEU B 37 -5.16 -2.32 -32.83
N ALA B 38 -6.00 -2.58 -31.83
CA ALA B 38 -7.17 -1.78 -31.61
C ALA B 38 -6.78 -0.34 -31.25
N LEU B 39 -5.76 -0.19 -30.42
CA LEU B 39 -5.31 1.14 -30.04
C LEU B 39 -4.67 1.89 -31.24
N GLN B 40 -3.94 1.17 -32.10
CA GLN B 40 -3.41 1.79 -33.33
C GLN B 40 -4.54 2.34 -34.22
N GLU B 41 -5.61 1.57 -34.37
CA GLU B 41 -6.69 1.99 -35.25
C GLU B 41 -7.47 3.13 -34.63
N LYS B 42 -7.54 3.20 -33.31
CA LYS B 42 -8.31 4.23 -32.64
C LYS B 42 -7.53 5.57 -32.60
N TYR B 43 -6.24 5.48 -32.36
CA TYR B 43 -5.46 6.67 -32.08
C TYR B 43 -4.48 7.04 -33.18
N GLY B 44 -4.28 6.17 -34.14
CA GLY B 44 -3.10 6.29 -35.02
C GLY B 44 -1.92 5.41 -34.63
N ASN B 45 -1.28 4.84 -35.63
CA ASN B 45 -0.22 3.85 -35.41
C ASN B 45 0.97 4.47 -34.73
N ASP B 46 1.20 5.74 -35.05
CA ASP B 46 2.30 6.52 -34.50
C ASP B 46 2.22 6.77 -33.00
N LYS B 47 1.07 6.53 -32.39
CA LYS B 47 0.86 6.95 -31.00
C LYS B 47 1.06 5.83 -29.97
N ILE B 48 1.33 4.61 -30.46
CA ILE B 48 1.36 3.42 -29.64
C ILE B 48 2.78 2.87 -29.53
N ILE B 49 3.23 2.68 -28.29
CA ILE B 49 4.45 1.91 -28.00
C ILE B 49 4.09 0.61 -27.34
N ALA B 50 4.56 -0.49 -27.92
CA ALA B 50 4.45 -1.81 -27.32
C ALA B 50 5.69 -2.14 -26.51
N SER B 51 5.49 -2.82 -25.40
CA SER B 51 6.62 -3.24 -24.60
C SER B 51 6.38 -4.63 -24.11
N ASP B 52 7.44 -5.45 -24.13
CA ASP B 52 7.45 -6.78 -23.51
C ASP B 52 8.92 -7.21 -23.34
N LEU B 53 9.16 -8.47 -22.98
CA LEU B 53 10.50 -8.87 -22.51
C LEU B 53 11.49 -8.97 -23.64
N LYS B 54 11.06 -9.52 -24.78
CA LYS B 54 11.93 -9.72 -25.93
C LYS B 54 11.28 -9.15 -27.18
N GLU B 55 12.09 -8.52 -28.02
CA GLU B 55 11.56 -7.97 -29.24
C GLU B 55 11.42 -9.04 -30.30
N PRO B 56 10.20 -9.24 -30.85
CA PRO B 56 10.11 -10.23 -31.91
C PRO B 56 10.55 -9.60 -33.23
N GLU B 57 11.05 -10.41 -34.15
CA GLU B 57 11.60 -9.88 -35.39
C GLU B 57 10.46 -9.41 -36.31
N ASN B 58 10.67 -8.32 -37.03
CA ASN B 58 9.69 -7.79 -37.99
C ASN B 58 8.34 -7.45 -37.34
N TYR B 59 8.40 -6.92 -36.14
CA TYR B 59 7.22 -6.50 -35.43
C TYR B 59 6.67 -5.24 -36.12
N HIS B 60 5.35 -5.03 -36.14
CA HIS B 60 4.80 -3.82 -36.80
C HIS B 60 4.14 -2.84 -35.83
N CYS B 61 4.89 -2.45 -34.82
CA CYS B 61 4.56 -1.31 -33.98
C CYS B 61 5.87 -0.94 -33.28
N LYS B 62 6.02 0.31 -32.88
CA LYS B 62 7.20 0.71 -32.14
C LYS B 62 7.24 -0.14 -30.87
N PHE B 63 8.44 -0.60 -30.51
CA PHE B 63 8.62 -1.59 -29.45
C PHE B 63 9.79 -1.19 -28.55
N GLU B 64 9.55 -1.21 -27.24
CA GLU B 64 10.62 -1.01 -26.27
C GLU B 64 10.71 -2.17 -25.31
N LYS B 65 11.79 -2.95 -25.39
CA LYS B 65 11.92 -4.15 -24.58
C LYS B 65 12.11 -3.76 -23.13
N CYS B 66 11.51 -4.51 -22.22
CA CYS B 66 11.60 -4.21 -20.79
C CYS B 66 11.06 -5.37 -19.99
N ASP B 67 11.77 -5.72 -18.92
CA ASP B 67 11.22 -6.53 -17.85
C ASP B 67 10.49 -5.54 -16.96
N ILE B 68 9.21 -5.79 -16.74
CA ILE B 68 8.36 -4.89 -15.97
C ILE B 68 8.87 -4.66 -14.55
N ARG B 69 9.68 -5.60 -14.05
CA ARG B 69 10.29 -5.45 -12.72
C ARG B 69 11.47 -4.47 -12.66
N ASP B 70 11.97 -4.07 -13.83
CA ASP B 70 13.21 -3.25 -13.97
C ASP B 70 12.79 -1.79 -13.98
N ILE B 71 12.74 -1.19 -12.79
CA ILE B 71 12.22 0.18 -12.69
C ILE B 71 13.03 1.18 -13.53
N GLU B 72 14.35 1.00 -13.62
CA GLU B 72 15.18 1.99 -14.31
C GLU B 72 14.81 2.06 -15.79
N THR B 73 14.71 0.89 -16.42
CA THR B 73 14.42 0.86 -17.83
C THR B 73 13.00 1.33 -18.04
N TYR B 74 12.09 0.89 -17.18
CA TYR B 74 10.67 1.20 -17.35
C TYR B 74 10.44 2.73 -17.28
N GLU B 75 11.06 3.35 -16.29
CA GLU B 75 11.11 4.81 -16.19
C GLU B 75 11.74 5.48 -17.42
N ARG B 76 12.90 5.00 -17.84
CA ARG B 76 13.56 5.50 -19.07
C ARG B 76 12.61 5.56 -20.26
N ILE B 77 11.93 4.44 -20.51
CA ILE B 77 10.95 4.34 -21.57
C ILE B 77 9.84 5.38 -21.46
N ASN B 78 9.31 5.56 -20.25
CA ASN B 78 8.19 6.48 -20.04
C ASN B 78 8.63 7.93 -20.06
N ASN B 79 9.84 8.17 -19.61
CA ASN B 79 10.46 9.48 -19.76
C ASN B 79 10.75 9.80 -21.23
N GLU B 80 11.53 8.94 -21.87
CA GLU B 80 12.01 9.21 -23.22
C GLU B 80 10.87 9.34 -24.24
N ASN B 81 9.67 8.85 -23.94
CA ASN B 81 8.66 8.71 -24.94
C ASN B 81 7.43 9.59 -24.74
N LYS B 82 7.36 10.31 -23.62
CA LYS B 82 6.22 11.19 -23.35
C LYS B 82 4.93 10.40 -23.22
N ILE B 83 5.02 9.25 -22.59
CA ILE B 83 3.82 8.43 -22.31
C ILE B 83 2.81 9.08 -21.33
N GLU B 84 1.56 9.18 -21.76
CA GLU B 84 0.48 9.75 -20.98
C GLU B 84 -0.55 8.73 -20.47
N ILE B 85 -0.59 7.56 -21.09
CA ILE B 85 -1.57 6.52 -20.78
C ILE B 85 -0.83 5.19 -20.92
N VAL B 86 -1.00 4.33 -19.94
CA VAL B 86 -0.45 3.00 -19.97
C VAL B 86 -1.56 1.98 -19.80
N TYR B 87 -1.58 1.02 -20.72
CA TYR B 87 -2.37 -0.19 -20.62
C TYR B 87 -1.44 -1.29 -20.17
N HIS B 88 -1.62 -1.72 -18.93
CA HIS B 88 -0.63 -2.58 -18.27
C HIS B 88 -1.07 -4.03 -18.31
N LEU B 89 -0.62 -4.80 -19.30
CA LEU B 89 -1.07 -6.19 -19.44
C LEU B 89 -0.01 -7.21 -19.08
N ALA B 90 1.17 -6.76 -18.66
CA ALA B 90 2.21 -7.70 -18.21
C ALA B 90 1.76 -8.47 -16.97
N ALA B 91 1.82 -9.79 -17.00
CA ALA B 91 1.33 -10.60 -15.90
C ALA B 91 1.84 -12.01 -16.01
N ILE B 92 1.93 -12.67 -14.86
CA ILE B 92 2.04 -14.10 -14.76
C ILE B 92 0.68 -14.66 -14.34
N LEU B 93 0.14 -15.57 -15.15
CA LEU B 93 -1.26 -16.00 -15.01
C LEU B 93 -1.44 -17.18 -14.02
N SER B 94 -2.68 -17.69 -13.88
CA SER B 94 -3.02 -18.57 -12.74
C SER B 94 -2.24 -19.86 -12.69
N ALA B 95 -2.25 -20.58 -13.82
CA ALA B 95 -1.49 -21.84 -13.94
C ALA B 95 0.00 -21.69 -13.74
N ALA B 96 0.65 -20.78 -14.46
CA ALA B 96 2.08 -20.53 -14.26
C ALA B 96 2.39 -20.14 -12.80
N GLY B 97 1.50 -19.36 -12.19
CA GLY B 97 1.70 -18.93 -10.81
C GLY B 97 1.55 -19.97 -9.71
N GLU B 98 0.69 -20.97 -9.89
CA GLU B 98 0.66 -22.11 -8.98
C GLU B 98 1.98 -22.87 -9.06
N LYS B 99 2.56 -22.92 -10.25
CA LYS B 99 3.79 -23.65 -10.43
C LYS B 99 4.99 -22.87 -9.88
N ASN B 100 4.97 -21.55 -10.07
CA ASN B 100 6.03 -20.68 -9.55
C ASN B 100 5.49 -19.48 -8.79
N PRO B 101 5.19 -19.67 -7.48
CA PRO B 101 4.50 -18.61 -6.75
C PRO B 101 5.32 -17.35 -6.56
N GLU B 102 6.64 -17.54 -6.38
CA GLU B 102 7.55 -16.43 -6.18
C GLU B 102 7.59 -15.51 -7.41
N LEU B 103 7.68 -16.10 -8.59
CA LEU B 103 7.76 -15.36 -9.84
C LEU B 103 6.42 -14.67 -10.09
N CYS B 104 5.33 -15.35 -9.77
CA CYS B 104 3.99 -14.76 -9.97
C CYS B 104 3.81 -13.46 -9.14
N HIS B 105 4.23 -13.48 -7.88
CA HIS B 105 4.17 -12.30 -7.04
C HIS B 105 5.11 -11.20 -7.49
N ASP B 106 6.32 -11.59 -7.86
CA ASP B 106 7.36 -10.62 -8.23
C ASP B 106 6.86 -9.78 -9.42
N VAL B 107 6.45 -10.47 -10.48
CA VAL B 107 5.93 -9.81 -11.68
C VAL B 107 4.62 -9.08 -11.44
N ASN B 108 3.62 -9.72 -10.85
CA ASN B 108 2.31 -9.10 -10.73
C ASN B 108 2.25 -8.01 -9.68
N TYR B 109 2.94 -8.19 -8.57
CA TYR B 109 2.88 -7.18 -7.48
C TYR B 109 3.90 -6.08 -7.73
N ASN B 110 5.16 -6.48 -7.85
CA ASN B 110 6.23 -5.49 -8.00
C ASN B 110 6.17 -4.79 -9.38
N GLY B 111 5.80 -5.51 -10.43
CA GLY B 111 5.60 -4.89 -11.74
C GLY B 111 4.50 -3.84 -11.66
N LEU B 112 3.40 -4.20 -10.97
CA LEU B 112 2.30 -3.27 -10.91
C LEU B 112 2.73 -2.04 -10.12
N GLU B 113 3.45 -2.23 -9.02
CA GLU B 113 3.90 -1.10 -8.21
C GLU B 113 4.79 -0.15 -9.02
N ASN B 114 5.60 -0.72 -9.92
CA ASN B 114 6.43 0.07 -10.84
C ASN B 114 5.60 0.95 -11.78
N VAL B 115 4.54 0.35 -12.30
CA VAL B 115 3.59 1.07 -13.14
C VAL B 115 2.91 2.19 -12.33
N LEU B 116 2.42 1.86 -11.15
CA LEU B 116 1.76 2.83 -10.31
C LEU B 116 2.68 4.03 -9.96
N LYS B 117 3.91 3.77 -9.50
CA LYS B 117 4.81 4.86 -9.06
C LYS B 117 5.15 5.77 -10.25
N THR B 118 5.37 5.14 -11.37
CA THR B 118 5.69 5.85 -12.59
C THR B 118 4.50 6.70 -13.04
N ALA B 119 3.28 6.21 -12.88
CA ALA B 119 2.10 6.97 -13.28
C ALA B 119 1.98 8.22 -12.40
N LYS B 120 2.29 8.07 -11.12
CA LYS B 120 2.23 9.20 -10.22
C LYS B 120 3.26 10.25 -10.63
N LYS B 121 4.48 9.80 -10.89
CA LYS B 121 5.57 10.70 -11.30
C LYS B 121 5.26 11.46 -12.60
N TYR B 122 4.72 10.76 -13.60
CA TYR B 122 4.45 11.36 -14.90
C TYR B 122 2.99 11.78 -15.13
N ASN B 123 2.17 11.76 -14.09
CA ASN B 123 0.75 12.07 -14.20
C ASN B 123 0.00 11.29 -15.29
N GLN B 124 0.10 9.97 -15.27
CA GLN B 124 -0.52 9.15 -16.33
C GLN B 124 -1.89 8.62 -15.96
N LYS B 125 -2.63 8.27 -17.01
CA LYS B 125 -3.89 7.55 -16.91
C LYS B 125 -3.52 6.11 -17.10
N LEU B 126 -4.26 5.20 -16.48
CA LEU B 126 -3.84 3.78 -16.43
C LEU B 126 -5.02 2.84 -16.61
N PHE B 127 -4.76 1.73 -17.29
CA PHE B 127 -5.65 0.57 -17.27
C PHE B 127 -4.84 -0.57 -16.67
N CYS B 128 -5.28 -1.05 -15.53
CA CYS B 128 -4.59 -2.11 -14.81
C CYS B 128 -5.61 -3.20 -14.47
N PRO B 129 -5.66 -4.26 -15.28
CA PRO B 129 -6.70 -5.25 -15.08
C PRO B 129 -6.51 -6.19 -13.89
N SER B 130 -7.65 -6.76 -13.48
CA SER B 130 -7.73 -7.81 -12.48
C SER B 130 -8.26 -9.08 -13.19
N SER B 131 -8.97 -9.93 -12.46
CA SER B 131 -9.37 -11.24 -12.92
C SER B 131 -10.52 -11.74 -12.05
N ILE B 132 -11.38 -12.59 -12.62
CA ILE B 132 -12.32 -13.39 -11.85
C ILE B 132 -11.63 -14.29 -10.79
N ALA B 133 -10.34 -14.48 -10.94
CA ALA B 133 -9.56 -15.21 -9.96
C ALA B 133 -9.52 -14.54 -8.60
N VAL B 134 -10.03 -13.32 -8.45
CA VAL B 134 -10.11 -12.73 -7.09
C VAL B 134 -11.14 -13.46 -6.20
N PHE B 135 -12.05 -14.19 -6.84
CA PHE B 135 -13.15 -14.77 -6.10
C PHE B 135 -12.83 -16.20 -5.66
N GLY B 136 -13.29 -16.56 -4.46
CA GLY B 136 -13.20 -17.93 -3.97
C GLY B 136 -14.56 -18.55 -3.71
N PRO B 137 -14.59 -19.83 -3.31
CA PRO B 137 -15.87 -20.52 -3.08
C PRO B 137 -16.65 -20.10 -1.81
N ASP B 138 -16.16 -19.13 -1.05
CA ASP B 138 -16.91 -18.62 0.07
C ASP B 138 -18.00 -17.64 -0.39
N VAL B 139 -17.98 -17.25 -1.67
CA VAL B 139 -19.01 -16.35 -2.19
C VAL B 139 -19.77 -17.01 -3.35
N PRO B 140 -20.88 -16.39 -3.80
CA PRO B 140 -21.73 -17.09 -4.71
C PRO B 140 -20.98 -17.43 -6.00
N LYS B 141 -21.19 -18.66 -6.49
CA LYS B 141 -20.61 -19.10 -7.75
C LYS B 141 -21.44 -18.64 -8.94
N GLU B 142 -22.75 -18.42 -8.73
CA GLU B 142 -23.63 -17.93 -9.80
C GLU B 142 -23.82 -16.45 -9.66
N MET B 143 -23.62 -15.73 -10.77
CA MET B 143 -23.81 -14.28 -10.80
C MET B 143 -23.12 -13.58 -9.63
N THR B 144 -21.87 -13.94 -9.42
CA THR B 144 -21.06 -13.30 -8.36
C THR B 144 -21.20 -11.76 -8.35
N PRO B 145 -21.62 -11.20 -7.19
CA PRO B 145 -21.82 -9.75 -7.17
C PRO B 145 -20.51 -8.99 -7.09
N GLN B 146 -20.55 -7.71 -7.50
CA GLN B 146 -19.38 -6.80 -7.53
C GLN B 146 -18.65 -6.75 -6.19
N ASN B 147 -19.42 -6.66 -5.10
CA ASN B 147 -18.88 -6.29 -3.80
C ASN B 147 -18.76 -7.39 -2.78
N VAL B 148 -18.58 -8.62 -3.22
CA VAL B 148 -18.36 -9.73 -2.29
C VAL B 148 -16.99 -9.67 -1.63
N GLU B 149 -16.83 -10.43 -0.54
CA GLU B 149 -15.51 -10.65 0.05
C GLU B 149 -14.61 -11.37 -0.93
N LEU B 150 -13.33 -10.99 -0.95
CA LEU B 150 -12.38 -11.62 -1.87
C LEU B 150 -11.40 -12.53 -1.12
N ASN B 151 -11.64 -13.83 -1.18
CA ASN B 151 -10.79 -14.82 -0.50
C ASN B 151 -10.33 -15.90 -1.50
N PRO B 152 -9.43 -15.53 -2.41
CA PRO B 152 -9.05 -16.44 -3.49
C PRO B 152 -8.24 -17.61 -3.00
N LYS B 153 -8.36 -18.74 -3.69
CA LYS B 153 -7.61 -19.96 -3.34
C LYS B 153 -6.40 -20.23 -4.25
N THR B 154 -5.97 -19.26 -5.05
CA THR B 154 -4.80 -19.38 -5.90
C THR B 154 -3.81 -18.30 -5.61
N VAL B 155 -2.55 -18.61 -5.85
CA VAL B 155 -1.47 -17.63 -5.84
C VAL B 155 -1.80 -16.38 -6.68
N TYR B 156 -2.22 -16.62 -7.91
CA TYR B 156 -2.54 -15.54 -8.84
C TYR B 156 -3.67 -14.66 -8.31
N GLY B 157 -4.75 -15.31 -7.88
CA GLY B 157 -5.87 -14.65 -7.20
C GLY B 157 -5.42 -13.70 -6.12
N ILE B 158 -4.54 -14.18 -5.25
CA ILE B 158 -4.05 -13.36 -4.16
C ILE B 158 -3.26 -12.16 -4.66
N THR B 159 -2.47 -12.34 -5.71
CA THR B 159 -1.80 -11.20 -6.37
C THR B 159 -2.81 -10.22 -6.96
N LYS B 160 -3.92 -10.73 -7.48
CA LYS B 160 -4.92 -9.83 -8.08
C LYS B 160 -5.71 -8.98 -7.06
N VAL B 161 -6.06 -9.56 -5.93
CA VAL B 161 -6.67 -8.80 -4.85
C VAL B 161 -5.71 -7.69 -4.37
N LYS B 162 -4.44 -8.03 -4.17
CA LYS B 162 -3.45 -7.05 -3.72
C LYS B 162 -3.34 -5.88 -4.73
N GLY B 163 -3.34 -6.25 -5.99
CA GLY B 163 -3.28 -5.31 -7.11
C GLY B 163 -4.48 -4.41 -7.14
N GLU B 164 -5.68 -4.95 -6.94
CA GLU B 164 -6.88 -4.11 -6.89
C GLU B 164 -6.73 -3.06 -5.80
N GLU B 165 -6.24 -3.51 -4.65
CA GLU B 165 -6.13 -2.62 -3.50
C GLU B 165 -5.05 -1.55 -3.65
N LEU B 166 -3.94 -1.92 -4.27
CA LEU B 166 -2.90 -0.96 -4.68
C LEU B 166 -3.45 0.07 -5.62
N CYS B 167 -4.22 -0.39 -6.62
CA CYS B 167 -4.78 0.55 -7.57
C CYS B 167 -5.72 1.53 -6.89
N ASP B 168 -6.65 1.00 -6.10
CA ASP B 168 -7.58 1.81 -5.35
C ASP B 168 -6.85 2.83 -4.45
N THR B 169 -5.74 2.42 -3.87
CA THR B 169 -4.92 3.32 -3.05
C THR B 169 -4.31 4.46 -3.88
N TYR B 170 -3.74 4.15 -5.05
CA TYR B 170 -3.22 5.18 -5.94
C TYR B 170 -4.30 6.14 -6.43
N PHE B 171 -5.52 5.63 -6.56
CA PHE B 171 -6.65 6.47 -6.90
C PHE B 171 -6.97 7.42 -5.75
N LYS B 172 -7.05 6.84 -4.55
CA LYS B 172 -7.49 7.57 -3.34
C LYS B 172 -6.42 8.55 -2.86
N GLU B 173 -5.20 8.04 -2.71
CA GLU B 173 -4.17 8.78 -2.00
C GLU B 173 -3.37 9.66 -2.95
N HIS B 174 -3.32 9.29 -4.23
CA HIS B 174 -2.44 9.95 -5.17
C HIS B 174 -3.18 10.47 -6.39
N GLY B 175 -4.50 10.35 -6.40
CA GLY B 175 -5.28 10.97 -7.46
C GLY B 175 -5.13 10.39 -8.86
N ILE B 176 -4.62 9.16 -8.96
CA ILE B 176 -4.35 8.55 -10.26
C ILE B 176 -5.63 7.93 -10.79
N ASP B 177 -6.06 8.38 -11.95
CA ASP B 177 -7.14 7.76 -12.68
C ASP B 177 -6.67 6.42 -13.23
N VAL B 178 -6.79 5.40 -12.42
CA VAL B 178 -6.53 4.02 -12.82
C VAL B 178 -7.84 3.26 -12.90
N ARG B 179 -7.99 2.52 -13.99
CA ARG B 179 -9.24 1.83 -14.26
C ARG B 179 -8.92 0.39 -14.57
N GLY B 180 -9.84 -0.51 -14.26
CA GLY B 180 -9.64 -1.89 -14.61
C GLY B 180 -10.86 -2.77 -14.66
N ILE B 181 -10.65 -3.95 -15.26
CA ILE B 181 -11.68 -4.96 -15.44
C ILE B 181 -11.21 -6.28 -14.84
N ARG B 182 -12.12 -6.99 -14.14
CA ARG B 182 -11.91 -8.40 -13.75
C ARG B 182 -12.22 -9.30 -14.95
N TYR B 183 -11.24 -9.49 -15.80
CA TYR B 183 -11.46 -10.23 -17.01
C TYR B 183 -11.89 -11.63 -16.68
N PRO B 184 -12.87 -12.16 -17.41
CA PRO B 184 -13.14 -13.58 -17.37
C PRO B 184 -12.21 -14.32 -18.31
N GLY B 185 -12.52 -15.59 -18.55
CA GLY B 185 -11.74 -16.37 -19.52
C GLY B 185 -11.92 -15.77 -20.91
N LEU B 186 -10.82 -15.56 -21.63
CA LEU B 186 -10.88 -14.91 -22.94
C LEU B 186 -10.49 -15.85 -24.06
N ILE B 187 -11.24 -15.78 -25.15
CA ILE B 187 -11.04 -16.67 -26.29
C ILE B 187 -10.66 -15.83 -27.50
N SER B 188 -9.58 -16.23 -28.16
CA SER B 188 -9.10 -15.55 -29.35
C SER B 188 -8.42 -16.54 -30.28
N TRP B 189 -8.26 -16.18 -31.55
CA TRP B 189 -7.56 -17.03 -32.51
C TRP B 189 -6.22 -16.42 -32.93
N LYS B 190 -6.04 -15.12 -32.70
CA LYS B 190 -4.85 -14.40 -33.19
C LYS B 190 -3.56 -14.74 -32.40
N HIS B 191 -3.70 -15.11 -31.13
CA HIS B 191 -2.58 -15.67 -30.35
C HIS B 191 -2.78 -17.17 -30.21
N LYS B 192 -1.69 -17.96 -30.23
CA LYS B 192 -1.78 -19.40 -29.91
C LYS B 192 -2.13 -19.54 -28.44
N PRO B 193 -2.65 -20.71 -28.04
CA PRO B 193 -2.87 -20.97 -26.59
C PRO B 193 -1.61 -20.88 -25.71
N SER B 194 -1.70 -20.23 -24.54
CA SER B 194 -0.52 -20.09 -23.64
C SER B 194 -0.46 -21.05 -22.43
N GLY B 195 -1.16 -22.18 -22.50
CA GLY B 195 -1.12 -23.18 -21.43
C GLY B 195 -1.80 -22.72 -20.16
N GLY B 196 -2.64 -21.71 -20.25
CA GLY B 196 -3.27 -21.18 -19.03
C GLY B 196 -4.51 -21.99 -18.66
N THR B 197 -4.99 -21.72 -17.45
CA THR B 197 -6.24 -22.31 -16.95
C THR B 197 -7.48 -22.19 -17.88
N THR B 198 -7.78 -21.00 -18.39
CA THR B 198 -8.98 -20.83 -19.24
C THR B 198 -8.71 -21.24 -20.69
N ASP B 199 -7.49 -21.65 -20.99
CA ASP B 199 -7.06 -21.92 -22.34
C ASP B 199 -7.59 -23.21 -22.95
N TYR B 200 -8.30 -24.04 -22.19
CA TYR B 200 -8.93 -25.19 -22.80
C TYR B 200 -9.92 -24.73 -23.84
N ALA B 201 -10.56 -23.59 -23.59
CA ALA B 201 -11.54 -23.08 -24.53
C ALA B 201 -10.85 -22.78 -25.87
N VAL B 202 -9.74 -22.08 -25.85
CA VAL B 202 -9.00 -21.77 -27.09
C VAL B 202 -8.46 -23.04 -27.73
N GLU B 203 -7.81 -23.89 -26.95
CA GLU B 203 -7.21 -25.12 -27.49
C GLU B 203 -8.22 -26.01 -28.18
N MET B 204 -9.40 -26.09 -27.61
CA MET B 204 -10.42 -26.96 -28.18
C MET B 204 -10.70 -26.53 -29.62
N TYR B 205 -10.80 -25.22 -29.85
CA TYR B 205 -11.02 -24.68 -31.21
C TYR B 205 -9.85 -25.02 -32.17
N PHE B 206 -8.65 -24.68 -31.76
CA PHE B 206 -7.46 -24.90 -32.60
C PHE B 206 -7.33 -26.38 -32.94
N ASP B 207 -7.51 -27.27 -31.97
CA ASP B 207 -7.22 -28.70 -32.22
C ASP B 207 -8.35 -29.36 -32.96
N ALA B 208 -9.59 -28.99 -32.62
CA ALA B 208 -10.75 -29.39 -33.40
C ALA B 208 -10.50 -29.12 -34.85
N VAL B 209 -10.11 -27.90 -35.17
CA VAL B 209 -9.96 -27.52 -36.57
C VAL B 209 -8.70 -28.16 -37.21
N GLU B 210 -7.56 -28.18 -36.51
CA GLU B 210 -6.30 -28.70 -37.09
C GLU B 210 -6.29 -30.22 -37.25
N SER B 211 -6.79 -30.95 -36.26
CA SER B 211 -6.51 -32.39 -36.17
C SER B 211 -7.74 -33.23 -35.92
N GLY B 212 -8.86 -32.60 -35.68
CA GLY B 212 -10.11 -33.31 -35.41
C GLY B 212 -10.13 -33.97 -34.04
N LYS B 213 -9.18 -33.63 -33.17
CA LYS B 213 -9.17 -34.22 -31.83
C LYS B 213 -8.56 -33.33 -30.78
N TYR B 214 -9.04 -33.48 -29.55
CA TYR B 214 -8.60 -32.64 -28.46
C TYR B 214 -8.64 -33.36 -27.14
N GLU B 215 -7.58 -33.20 -26.37
CA GLU B 215 -7.52 -33.69 -25.00
C GLU B 215 -7.66 -32.49 -24.08
N CYS B 216 -8.81 -32.41 -23.43
CA CYS B 216 -9.18 -31.26 -22.62
C CYS B 216 -8.63 -31.54 -21.23
N PHE B 217 -7.99 -30.52 -20.63
CA PHE B 217 -7.32 -30.65 -19.31
C PHE B 217 -8.19 -30.25 -18.11
N VAL B 218 -9.47 -29.96 -18.37
CA VAL B 218 -10.47 -29.91 -17.32
C VAL B 218 -11.58 -30.92 -17.60
N ASN B 219 -12.41 -31.22 -16.61
CA ASN B 219 -13.46 -32.22 -16.81
C ASN B 219 -14.60 -31.58 -17.58
N ARG B 220 -15.44 -32.42 -18.14
CA ARG B 220 -16.42 -31.97 -19.13
C ARG B 220 -17.45 -30.98 -18.61
N ASN B 221 -17.66 -30.94 -17.30
CA ASN B 221 -18.63 -30.03 -16.72
C ASN B 221 -18.04 -28.72 -16.23
N THR B 222 -16.73 -28.53 -16.41
CA THR B 222 -16.08 -27.35 -15.87
C THR B 222 -16.70 -26.12 -16.54
N ARG B 223 -17.16 -25.16 -15.73
CA ARG B 223 -17.98 -24.08 -16.22
C ARG B 223 -17.38 -22.79 -15.66
N LEU B 224 -16.99 -21.89 -16.57
CA LEU B 224 -16.37 -20.61 -16.21
C LEU B 224 -17.01 -19.51 -17.00
N PRO B 225 -16.91 -18.28 -16.49
CA PRO B 225 -17.27 -17.12 -17.25
C PRO B 225 -16.26 -16.91 -18.39
N MET B 226 -16.76 -16.66 -19.61
CA MET B 226 -15.97 -16.62 -20.83
C MET B 226 -16.44 -15.44 -21.69
N MET B 227 -15.54 -14.91 -22.51
CA MET B 227 -15.81 -13.77 -23.37
C MET B 227 -14.93 -13.83 -24.61
N PHE B 228 -15.48 -13.45 -25.76
CA PHE B 228 -14.68 -13.46 -26.98
C PHE B 228 -13.80 -12.22 -26.96
N MET B 229 -12.63 -12.28 -27.59
CA MET B 229 -11.66 -11.20 -27.37
C MET B 229 -12.18 -9.88 -27.88
N ASP B 230 -12.87 -9.86 -29.02
CA ASP B 230 -13.35 -8.58 -29.53
C ASP B 230 -14.11 -7.84 -28.43
N ASP B 231 -14.92 -8.58 -27.66
CA ASP B 231 -15.76 -7.96 -26.64
C ASP B 231 -14.91 -7.46 -25.48
N ALA B 232 -13.91 -8.23 -25.09
CA ALA B 232 -13.06 -7.79 -23.99
C ALA B 232 -12.21 -6.57 -24.35
N ILE B 233 -11.73 -6.51 -25.59
CA ILE B 233 -10.92 -5.37 -26.07
C ILE B 233 -11.80 -4.13 -26.17
N ARG B 234 -13.01 -4.30 -26.67
CA ARG B 234 -13.97 -3.19 -26.73
C ARG B 234 -14.33 -2.68 -25.34
N ALA B 235 -14.63 -3.60 -24.43
CA ALA B 235 -14.91 -3.20 -23.04
C ALA B 235 -13.82 -2.30 -22.47
N THR B 236 -12.59 -2.67 -22.78
CA THR B 236 -11.39 -2.04 -22.21
C THR B 236 -11.35 -0.63 -22.74
N LEU B 237 -11.53 -0.48 -24.04
CA LEU B 237 -11.47 0.85 -24.66
C LEU B 237 -12.60 1.72 -24.20
N GLU B 238 -13.81 1.16 -24.14
CA GLU B 238 -14.99 1.89 -23.66
C GLU B 238 -14.80 2.37 -22.22
N LEU B 239 -14.34 1.48 -21.36
CA LEU B 239 -14.12 1.86 -19.97
C LEU B 239 -13.12 3.02 -19.88
N MET B 240 -12.09 2.96 -20.72
CA MET B 240 -11.03 3.97 -20.67
C MET B 240 -11.53 5.32 -21.17
N ASP B 241 -12.51 5.28 -22.08
CA ASP B 241 -13.14 6.49 -22.64
C ASP B 241 -14.16 7.19 -21.73
N ALA B 242 -14.67 6.46 -20.73
CA ALA B 242 -15.79 6.94 -19.94
C ALA B 242 -15.40 8.18 -19.13
N PRO B 243 -16.34 9.11 -18.91
CA PRO B 243 -16.10 10.21 -17.99
C PRO B 243 -15.86 9.67 -16.62
N LEU B 244 -14.80 10.14 -15.98
CA LEU B 244 -14.36 9.63 -14.68
C LEU B 244 -15.48 9.74 -13.68
N ASP B 245 -16.26 10.82 -13.74
CA ASP B 245 -17.35 11.04 -12.78
C ASP B 245 -18.49 10.04 -12.95
N SER B 246 -18.59 9.37 -14.10
CA SER B 246 -19.60 8.32 -14.25
C SER B 246 -19.27 7.01 -13.54
N LEU B 247 -18.02 6.85 -13.12
CA LEU B 247 -17.55 5.55 -12.58
C LEU B 247 -17.71 5.47 -11.05
N ASN B 248 -18.44 4.48 -10.58
CA ASN B 248 -18.53 4.14 -9.14
C ASN B 248 -17.53 3.09 -8.69
N TYR B 249 -16.80 2.52 -9.66
CA TYR B 249 -15.73 1.59 -9.41
C TYR B 249 -14.54 1.99 -10.26
N HIS B 250 -13.36 1.52 -9.87
CA HIS B 250 -12.15 1.93 -10.54
C HIS B 250 -11.34 0.76 -11.09
N SER B 251 -10.66 0.02 -10.22
CA SER B 251 -9.67 -0.99 -10.64
C SER B 251 -10.32 -2.32 -11.07
N ASN B 252 -11.58 -2.51 -10.73
CA ASN B 252 -12.11 -3.88 -10.54
C ASN B 252 -13.55 -4.16 -10.97
N TYR B 253 -13.96 -3.57 -12.10
CA TYR B 253 -15.28 -3.85 -12.64
C TYR B 253 -15.46 -5.34 -12.99
N ASN B 254 -16.49 -5.97 -12.43
CA ASN B 254 -16.96 -7.25 -12.93
C ASN B 254 -17.35 -7.01 -14.38
N LEU B 255 -17.21 -8.04 -15.19
CA LEU B 255 -17.52 -7.96 -16.61
C LEU B 255 -17.87 -9.37 -17.12
N SER B 256 -19.02 -9.48 -17.79
CA SER B 256 -19.61 -10.76 -18.17
C SER B 256 -19.98 -10.80 -19.66
N SER B 257 -19.91 -11.99 -20.24
CA SER B 257 -20.62 -12.25 -21.49
C SER B 257 -21.33 -13.60 -21.43
N MET B 258 -20.54 -14.67 -21.40
CA MET B 258 -20.99 -16.06 -21.48
C MET B 258 -20.57 -16.87 -20.25
N SER B 259 -21.27 -17.97 -20.06
CA SER B 259 -20.87 -19.01 -19.11
C SER B 259 -21.32 -20.33 -19.71
N PHE B 260 -20.39 -21.25 -19.91
CA PHE B 260 -20.72 -22.52 -20.49
C PHE B 260 -19.74 -23.53 -19.97
N SER B 261 -20.10 -24.80 -20.04
CA SER B 261 -19.16 -25.86 -19.74
C SER B 261 -18.35 -26.33 -20.96
N ALA B 262 -17.28 -27.04 -20.67
CA ALA B 262 -16.40 -27.53 -21.68
C ALA B 262 -17.16 -28.41 -22.68
N GLU B 263 -18.04 -29.31 -22.19
CA GLU B 263 -18.81 -30.15 -23.12
C GLU B 263 -19.81 -29.37 -23.95
N GLU B 264 -20.33 -28.27 -23.40
CA GLU B 264 -21.20 -27.40 -24.17
C GLU B 264 -20.44 -26.75 -25.31
N LEU B 265 -19.23 -26.30 -25.05
CA LEU B 265 -18.39 -25.78 -26.11
C LEU B 265 -18.07 -26.84 -27.17
N GLU B 266 -17.76 -28.04 -26.71
CA GLU B 266 -17.53 -29.16 -27.63
C GLU B 266 -18.71 -29.38 -28.59
N LYS B 267 -19.92 -29.40 -28.03
CA LYS B 267 -21.11 -29.54 -28.83
C LYS B 267 -21.30 -28.39 -29.82
N GLU B 268 -21.08 -27.15 -29.41
CA GLU B 268 -21.13 -26.03 -30.35
C GLU B 268 -20.12 -26.19 -31.49
N ILE B 269 -18.89 -26.56 -31.16
CA ILE B 269 -17.84 -26.75 -32.15
C ILE B 269 -18.18 -27.91 -33.10
N SER B 270 -18.77 -28.96 -32.55
CA SER B 270 -19.13 -30.15 -33.32
C SER B 270 -20.21 -29.89 -34.34
N ALA B 271 -20.98 -28.81 -34.17
CA ALA B 271 -21.95 -28.43 -35.20
C ALA B 271 -21.28 -27.93 -36.50
N HIS B 272 -19.99 -27.59 -36.42
CA HIS B 272 -19.23 -27.07 -37.57
C HIS B 272 -18.18 -28.04 -38.09
N VAL B 273 -17.61 -28.82 -37.18
CA VAL B 273 -16.43 -29.61 -37.52
C VAL B 273 -16.48 -30.90 -36.70
N ASP B 274 -16.24 -32.03 -37.37
CA ASP B 274 -16.17 -33.33 -36.69
C ASP B 274 -14.95 -33.35 -35.80
N PHE B 275 -15.14 -33.66 -34.53
CA PHE B 275 -14.00 -33.91 -33.68
C PHE B 275 -14.36 -34.65 -32.43
N ASN B 276 -13.38 -35.43 -31.98
CA ASN B 276 -13.53 -36.28 -30.83
C ASN B 276 -12.76 -35.63 -29.67
N CYS B 277 -13.48 -35.34 -28.60
CA CYS B 277 -12.91 -34.67 -27.43
C CYS B 277 -12.73 -35.71 -26.32
N LEU B 278 -11.54 -35.81 -25.73
CA LEU B 278 -11.30 -36.67 -24.59
C LEU B 278 -10.96 -35.78 -23.41
N TYR B 279 -11.45 -36.15 -22.23
CA TYR B 279 -11.32 -35.33 -21.01
C TYR B 279 -10.37 -36.03 -20.05
N LYS B 280 -9.22 -35.39 -19.81
CA LYS B 280 -8.18 -35.85 -18.92
C LYS B 280 -7.70 -34.69 -18.06
N PRO B 281 -8.37 -34.45 -16.96
CA PRO B 281 -8.03 -33.32 -16.07
C PRO B 281 -6.61 -33.31 -15.49
N ASP B 282 -6.08 -32.11 -15.24
CA ASP B 282 -4.80 -31.98 -14.54
C ASP B 282 -4.91 -30.88 -13.49
N TYR B 283 -3.79 -30.36 -13.00
CA TYR B 283 -3.78 -29.44 -11.85
C TYR B 283 -4.63 -28.18 -12.07
N ARG B 284 -4.84 -27.82 -13.35
CA ARG B 284 -5.66 -26.65 -13.70
C ARG B 284 -7.15 -26.81 -13.34
N GLN B 285 -7.63 -28.05 -13.28
CA GLN B 285 -8.94 -28.31 -12.69
C GLN B 285 -9.09 -27.64 -11.34
N ASP B 286 -8.12 -27.84 -10.48
CA ASP B 286 -8.21 -27.38 -9.09
C ASP B 286 -8.15 -25.85 -8.96
N ILE B 287 -7.62 -25.19 -9.98
CA ILE B 287 -7.78 -23.75 -10.09
C ILE B 287 -9.19 -23.36 -10.51
N ALA B 288 -9.62 -23.90 -11.64
CA ALA B 288 -10.93 -23.59 -12.23
C ALA B 288 -12.06 -23.90 -11.24
N ASP B 289 -11.90 -24.94 -10.44
CA ASP B 289 -12.96 -25.36 -9.52
C ASP B 289 -13.21 -24.32 -8.42
N THR B 290 -12.26 -23.41 -8.19
CA THR B 290 -12.38 -22.47 -7.07
C THR B 290 -12.94 -21.15 -7.57
N TRP B 291 -13.24 -21.09 -8.85
CA TRP B 291 -13.73 -19.86 -9.47
C TRP B 291 -15.25 -19.91 -9.69
N PRO B 292 -15.89 -18.73 -9.86
CA PRO B 292 -17.34 -18.65 -10.15
C PRO B 292 -17.69 -19.31 -11.47
N ILE B 293 -18.96 -19.58 -11.70
CA ILE B 293 -19.35 -20.00 -13.04
C ILE B 293 -19.87 -18.81 -13.84
N SER B 294 -20.36 -17.78 -13.15
CA SER B 294 -20.93 -16.61 -13.81
C SER B 294 -20.84 -15.37 -12.94
N ILE B 295 -21.01 -14.22 -13.59
CA ILE B 295 -20.62 -12.94 -12.99
C ILE B 295 -21.72 -11.90 -13.17
N ASN B 296 -22.13 -11.25 -12.06
CA ASN B 296 -23.03 -10.10 -12.12
C ASN B 296 -22.25 -8.79 -12.43
N ASP B 297 -22.39 -8.28 -13.64
CA ASP B 297 -21.67 -7.07 -14.06
C ASP B 297 -22.59 -5.85 -14.21
N ASP B 298 -23.62 -5.78 -13.38
CA ASP B 298 -24.59 -4.73 -13.54
C ASP B 298 -23.91 -3.38 -13.45
N ASP B 299 -22.86 -3.27 -12.62
CA ASP B 299 -22.24 -1.96 -12.40
C ASP B 299 -21.54 -1.41 -13.66
N ALA B 300 -20.89 -2.31 -14.40
CA ALA B 300 -20.34 -2.01 -15.73
C ALA B 300 -21.43 -1.60 -16.70
N ARG B 301 -22.52 -2.35 -16.71
CA ARG B 301 -23.61 -2.09 -17.65
C ARG B 301 -24.25 -0.75 -17.35
N LYS B 302 -24.32 -0.41 -16.07
CA LYS B 302 -24.94 0.82 -15.59
C LYS B 302 -24.03 2.02 -15.73
N ASP B 303 -22.83 1.94 -15.18
CA ASP B 303 -21.96 3.11 -15.09
C ASP B 303 -21.53 3.56 -16.48
N TRP B 304 -21.09 2.62 -17.30
CA TRP B 304 -20.49 3.00 -18.57
C TRP B 304 -21.02 2.27 -19.81
N GLY B 305 -22.22 1.70 -19.72
CA GLY B 305 -22.95 1.26 -20.90
C GLY B 305 -22.45 -0.04 -21.53
N TRP B 306 -21.79 -0.87 -20.74
CA TRP B 306 -21.30 -2.15 -21.24
C TRP B 306 -22.44 -3.07 -21.67
N GLU B 307 -22.25 -3.68 -22.85
CA GLU B 307 -23.08 -4.75 -23.40
C GLU B 307 -22.17 -5.59 -24.29
N PRO B 308 -22.05 -6.91 -24.04
CA PRO B 308 -21.33 -7.74 -24.99
C PRO B 308 -22.07 -7.94 -26.32
N LYS B 309 -21.33 -8.24 -27.38
CA LYS B 309 -21.93 -8.49 -28.68
C LYS B 309 -21.70 -9.89 -29.24
N PHE B 310 -20.80 -10.68 -28.62
CA PHE B 310 -20.56 -12.05 -29.12
C PHE B 310 -21.12 -13.10 -28.17
N ASP B 311 -22.10 -13.87 -28.66
CA ASP B 311 -22.62 -15.04 -27.99
C ASP B 311 -21.82 -16.24 -28.46
N ILE B 312 -22.17 -17.43 -28.00
CA ILE B 312 -21.32 -18.59 -28.32
C ILE B 312 -21.34 -18.95 -29.82
N SER B 313 -22.47 -18.71 -30.46
CA SER B 313 -22.63 -18.96 -31.90
C SER B 313 -21.72 -18.07 -32.69
N LYS B 314 -21.88 -16.77 -32.49
CA LYS B 314 -21.10 -15.75 -33.22
C LYS B 314 -19.60 -15.91 -33.00
N MET B 315 -19.20 -16.11 -31.74
CA MET B 315 -17.81 -16.39 -31.44
C MET B 315 -17.31 -17.63 -32.22
N THR B 316 -18.08 -18.72 -32.22
CA THR B 316 -17.51 -19.91 -32.85
C THR B 316 -17.47 -19.77 -34.39
N GLU B 317 -18.37 -18.98 -34.98
CA GLU B 317 -18.24 -18.67 -36.43
C GLU B 317 -16.91 -18.00 -36.76
N GLU B 318 -16.53 -16.98 -36.00
CA GLU B 318 -15.25 -16.29 -36.19
C GLU B 318 -14.06 -17.23 -35.99
N MET B 319 -14.09 -17.96 -34.89
CA MET B 319 -12.96 -18.84 -34.52
C MET B 319 -12.74 -19.85 -35.64
N ILE B 320 -13.79 -20.59 -35.97
CA ILE B 320 -13.68 -21.64 -36.97
C ILE B 320 -13.35 -21.11 -38.37
N THR B 321 -13.99 -20.01 -38.77
CA THR B 321 -13.73 -19.44 -40.09
C THR B 321 -12.23 -19.09 -40.18
N ASN B 322 -11.70 -18.45 -39.15
CA ASN B 322 -10.32 -18.00 -39.22
C ASN B 322 -9.33 -19.16 -39.08
N LEU B 323 -9.63 -20.12 -38.22
CA LEU B 323 -8.75 -21.27 -38.04
C LEU B 323 -8.75 -22.15 -39.30
N ARG B 324 -9.90 -22.30 -39.96
CA ARG B 324 -9.94 -23.02 -41.22
C ARG B 324 -9.02 -22.36 -42.24
N ARG B 325 -9.07 -21.04 -42.32
CA ARG B 325 -8.22 -20.29 -43.25
C ARG B 325 -6.76 -20.50 -42.94
N LEU B 326 -6.38 -20.35 -41.68
CA LEU B 326 -5.00 -20.62 -41.28
C LEU B 326 -4.51 -22.04 -41.61
N ASN B 327 -5.40 -23.01 -41.71
CA ASN B 327 -4.99 -24.39 -41.96
C ASN B 327 -5.16 -24.87 -43.41
N GLU B 328 -5.44 -23.95 -44.33
CA GLU B 328 -5.48 -24.30 -45.76
C GLU B 328 -4.12 -24.83 -46.23
#